data_8YQP
#
_entry.id   8YQP
#
_cell.length_a   68.816
_cell.length_b   72.167
_cell.length_c   122.093
_cell.angle_alpha   90.00
_cell.angle_beta   90.00
_cell.angle_gamma   90.00
#
_symmetry.space_group_name_H-M   'P 21 21 21'
#
loop_
_entity.id
_entity.type
_entity.pdbx_description
1 polymer Lipase
2 non-polymer '2-ethoxycarbonylbenzoic acid'
3 water water
#
_entity_poly.entity_id   1
_entity_poly.type   'polypeptide(L)'
_entity_poly.pdbx_seq_one_letter_code
;MISDPQVLGFIARTEAAYPPEANGASAADNRRFYDAMCAVFRGPRPPGLVVGDRRIGGVPCRVYGADSAVSVVYVHGGGF
VVGGLDSHDDVCAEIADATGLQVIAIDYRLAPEHRWPAQIQDVQAVWDALDRPAVIAGDSAGGMLSAALCLSRRGQRQPL
GQVLIYPGLGGDGSAPSYRENAGAPLLRTEDLATYHAALHGDGPVDPLALPLQVEDLAGVAPAFVVSADVDPLRDDARDY
VQRLRAAGVAAEWRNEPELPHGYLRARRESDRARRSFQAILSAIMRFAVRG
;
_entity_poly.pdbx_strand_id   A,B
#
loop_
_chem_comp.id
_chem_comp.type
_chem_comp.name
_chem_comp.formula
A1D6Y non-polymer '2-ethoxycarbonylbenzoic acid' 'C10 H10 O4'
#
# COMPACT_ATOMS: atom_id res chain seq x y z
N MET A 1 17.57 -20.92 7.31
CA MET A 1 16.13 -21.06 7.54
C MET A 1 15.50 -19.76 8.04
N ILE A 2 14.18 -19.67 7.90
CA ILE A 2 13.45 -18.51 8.38
C ILE A 2 13.52 -18.47 9.89
N SER A 3 13.66 -17.26 10.44
CA SER A 3 13.65 -17.08 11.87
C SER A 3 12.66 -16.02 12.33
N ASP A 4 12.01 -15.30 11.41
CA ASP A 4 11.00 -14.30 11.79
C ASP A 4 9.80 -15.03 12.39
N PRO A 5 9.47 -14.81 13.68
CA PRO A 5 8.40 -15.60 14.31
C PRO A 5 7.05 -15.42 13.64
N GLN A 6 6.81 -14.22 13.12
CA GLN A 6 5.57 -13.91 12.41
C GLN A 6 5.44 -14.80 11.18
N VAL A 7 6.53 -14.96 10.42
CA VAL A 7 6.53 -15.81 9.22
C VAL A 7 6.45 -17.28 9.59
N LEU A 8 7.15 -17.70 10.66
CA LEU A 8 7.07 -19.09 11.09
C LEU A 8 5.65 -19.47 11.49
N GLY A 9 4.94 -18.57 12.15
CA GLY A 9 3.54 -18.84 12.49
C GLY A 9 2.67 -18.94 11.24
N PHE A 10 2.91 -18.06 10.27
CA PHE A 10 2.17 -18.14 9.00
C PHE A 10 2.39 -19.48 8.33
N ILE A 11 3.63 -19.97 8.34
CA ILE A 11 3.96 -21.24 7.72
C ILE A 11 3.30 -22.40 8.46
N ALA A 12 3.31 -22.35 9.80
CA ALA A 12 2.65 -23.38 10.59
C ALA A 12 1.16 -23.45 10.25
N ARG A 13 0.53 -22.28 10.12
CA ARG A 13 -0.90 -22.25 9.82
C ARG A 13 -1.18 -22.72 8.40
N THR A 14 -0.31 -22.37 7.46
CA THR A 14 -0.47 -22.85 6.09
C THR A 14 -0.37 -24.36 6.03
N GLU A 15 0.66 -24.93 6.67
CA GLU A 15 0.91 -26.37 6.57
C GLU A 15 -0.21 -27.18 7.21
N ALA A 16 -0.91 -26.62 8.20
CA ALA A 16 -2.03 -27.32 8.82
C ALA A 16 -3.19 -27.46 7.85
N ALA A 17 -3.40 -26.47 6.98
CA ALA A 17 -4.52 -26.48 6.04
C ALA A 17 -4.15 -27.03 4.67
N TYR A 18 -2.91 -26.84 4.24
CA TYR A 18 -2.45 -27.26 2.91
C TYR A 18 -1.18 -28.07 3.12
N PRO A 19 -1.31 -29.32 3.54
CA PRO A 19 -0.12 -30.14 3.81
C PRO A 19 0.70 -30.32 2.55
N PRO A 20 2.04 -30.28 2.66
CA PRO A 20 2.88 -30.35 1.46
C PRO A 20 2.59 -31.56 0.57
N GLU A 21 1.92 -32.60 1.08
CA GLU A 21 1.58 -33.75 0.24
C GLU A 21 0.35 -33.49 -0.61
N ALA A 22 -0.28 -32.32 -0.49
CA ALA A 22 -1.38 -31.98 -1.39
C ALA A 22 -0.87 -31.68 -2.80
N ASN A 23 0.36 -31.16 -2.92
CA ASN A 23 0.93 -30.89 -4.24
C ASN A 23 0.97 -32.13 -5.11
N GLY A 24 1.06 -33.31 -4.49
CA GLY A 24 1.07 -34.58 -5.19
C GLY A 24 -0.24 -35.34 -5.22
N ALA A 25 -1.29 -34.82 -4.59
CA ALA A 25 -2.60 -35.45 -4.67
C ALA A 25 -3.21 -35.24 -6.06
N SER A 26 -4.30 -35.95 -6.30
CA SER A 26 -5.09 -35.72 -7.51
C SER A 26 -5.51 -34.25 -7.60
N ALA A 27 -5.85 -33.82 -8.81
CA ALA A 27 -6.20 -32.43 -9.03
C ALA A 27 -7.41 -32.02 -8.20
N ALA A 28 -8.42 -32.89 -8.10
CA ALA A 28 -9.63 -32.55 -7.36
C ALA A 28 -9.36 -32.41 -5.85
N ASP A 29 -8.60 -33.35 -5.28
CA ASP A 29 -8.28 -33.25 -3.85
C ASP A 29 -7.35 -32.08 -3.57
N ASN A 30 -6.33 -31.89 -4.43
CA ASN A 30 -5.45 -30.74 -4.33
C ASN A 30 -6.24 -29.44 -4.32
N ARG A 31 -7.23 -29.34 -5.21
CA ARG A 31 -8.04 -28.12 -5.29
C ARG A 31 -8.82 -27.91 -4.01
N ARG A 32 -9.32 -28.99 -3.39
CA ARG A 32 -10.08 -28.85 -2.15
C ARG A 32 -9.20 -28.38 -1.00
N PHE A 33 -7.99 -28.93 -0.89
CA PHE A 33 -7.10 -28.48 0.19
C PHE A 33 -6.64 -27.04 -0.04
N TYR A 34 -6.34 -26.69 -1.30
CA TYR A 34 -5.94 -25.32 -1.59
C TYR A 34 -7.02 -24.33 -1.23
N ASP A 35 -8.26 -24.61 -1.61
CA ASP A 35 -9.37 -23.74 -1.26
C ASP A 35 -9.53 -23.63 0.24
N ALA A 36 -9.33 -24.74 0.97
CA ALA A 36 -9.45 -24.70 2.41
C ALA A 36 -8.38 -23.81 3.02
N MET A 37 -7.15 -23.92 2.52
CA MET A 37 -6.08 -23.07 3.03
C MET A 37 -6.38 -21.62 2.72
N CYS A 38 -6.89 -21.33 1.51
CA CYS A 38 -7.24 -19.95 1.17
C CYS A 38 -8.23 -19.37 2.18
N ALA A 39 -9.18 -20.18 2.63
CA ALA A 39 -10.18 -19.68 3.57
C ALA A 39 -9.57 -19.30 4.91
N VAL A 40 -8.48 -19.96 5.32
CA VAL A 40 -7.87 -19.65 6.60
C VAL A 40 -7.37 -18.21 6.62
N PHE A 41 -6.88 -17.74 5.47
CA PHE A 41 -6.15 -16.48 5.37
C PHE A 41 -6.94 -15.36 4.71
N ARG A 42 -8.04 -15.68 4.03
CA ARG A 42 -8.83 -14.69 3.31
C ARG A 42 -9.25 -13.54 4.21
N GLY A 43 -8.95 -12.31 3.78
CA GLY A 43 -9.42 -11.13 4.44
C GLY A 43 -10.77 -10.71 3.87
N PRO A 44 -11.43 -9.77 4.54
CA PRO A 44 -12.75 -9.33 4.09
C PRO A 44 -12.68 -8.40 2.88
N ARG A 45 -13.76 -8.40 2.12
CA ARG A 45 -13.87 -7.45 1.03
C ARG A 45 -14.12 -6.06 1.60
N PRO A 46 -13.59 -5.02 0.96
CA PRO A 46 -14.02 -3.65 1.28
C PRO A 46 -15.51 -3.51 1.08
N PRO A 47 -16.24 -3.07 2.11
CA PRO A 47 -17.72 -3.09 2.03
C PRO A 47 -18.35 -2.23 0.94
N GLY A 48 -17.69 -1.15 0.50
CA GLY A 48 -18.28 -0.30 -0.52
C GLY A 48 -17.93 -0.64 -1.95
N LEU A 49 -17.12 -1.68 -2.17
CA LEU A 49 -16.57 -1.98 -3.48
C LEU A 49 -17.53 -2.81 -4.33
N VAL A 50 -17.80 -2.34 -5.53
CA VAL A 50 -18.67 -3.09 -6.45
C VAL A 50 -17.87 -4.23 -7.06
N VAL A 51 -18.42 -5.43 -6.98
CA VAL A 51 -17.77 -6.63 -7.48
C VAL A 51 -18.81 -7.43 -8.25
N GLY A 52 -18.45 -7.89 -9.44
CA GLY A 52 -19.37 -8.67 -10.25
C GLY A 52 -18.65 -9.64 -11.15
N ASP A 53 -19.32 -10.76 -11.45
CA ASP A 53 -18.80 -11.75 -12.37
C ASP A 53 -19.33 -11.49 -13.78
N ARG A 54 -18.45 -11.62 -14.75
CA ARG A 54 -18.74 -11.31 -16.16
C ARG A 54 -17.83 -12.18 -17.02
N ARG A 55 -18.38 -12.72 -18.11
CA ARG A 55 -17.51 -13.34 -19.10
C ARG A 55 -16.97 -12.27 -20.03
N ILE A 56 -15.67 -12.35 -20.31
CA ILE A 56 -14.95 -11.34 -21.08
C ILE A 56 -14.06 -12.09 -22.05
N GLY A 57 -14.22 -11.85 -23.35
CA GLY A 57 -13.54 -12.67 -24.33
C GLY A 57 -13.92 -14.12 -24.24
N GLY A 58 -15.12 -14.42 -23.74
CA GLY A 58 -15.55 -15.77 -23.52
C GLY A 58 -15.16 -16.36 -22.17
N VAL A 59 -14.10 -15.84 -21.55
CA VAL A 59 -13.52 -16.38 -20.33
C VAL A 59 -14.22 -15.80 -19.11
N PRO A 60 -14.60 -16.60 -18.12
CA PRO A 60 -15.23 -16.01 -16.91
C PRO A 60 -14.21 -15.22 -16.12
N CYS A 61 -14.60 -14.01 -15.73
CA CYS A 61 -13.76 -13.09 -14.99
C CYS A 61 -14.56 -12.52 -13.83
N ARG A 62 -13.84 -11.82 -12.94
CA ARG A 62 -14.47 -11.07 -11.87
C ARG A 62 -13.92 -9.65 -11.95
N VAL A 63 -14.82 -8.68 -11.87
CA VAL A 63 -14.49 -7.28 -12.07
C VAL A 63 -14.71 -6.54 -10.75
N TYR A 64 -13.64 -5.88 -10.26
CA TYR A 64 -13.67 -5.16 -8.99
C TYR A 64 -13.56 -3.67 -9.23
N GLY A 65 -14.54 -2.91 -8.75
CA GLY A 65 -14.48 -1.46 -8.80
C GLY A 65 -15.13 -0.90 -10.04
N ALA A 66 -15.32 0.42 -10.05
CA ALA A 66 -15.95 1.09 -11.17
C ALA A 66 -15.00 1.18 -12.35
N ASP A 67 -15.56 1.40 -13.54
CA ASP A 67 -14.74 1.52 -14.74
C ASP A 67 -13.75 2.68 -14.59
N SER A 68 -12.50 2.46 -14.99
CA SER A 68 -11.48 3.50 -14.89
C SER A 68 -10.66 3.56 -16.18
N ALA A 69 -10.06 4.73 -16.41
CA ALA A 69 -9.28 4.94 -17.63
C ALA A 69 -8.16 3.93 -17.76
N VAL A 70 -7.52 3.58 -16.65
CA VAL A 70 -6.52 2.50 -16.61
C VAL A 70 -7.09 1.41 -15.72
N SER A 71 -6.83 0.16 -16.09
CA SER A 71 -7.28 -0.97 -15.29
C SER A 71 -6.09 -1.79 -14.82
N VAL A 72 -6.37 -2.84 -14.06
CA VAL A 72 -5.36 -3.81 -13.66
C VAL A 72 -5.92 -5.20 -13.95
N VAL A 73 -5.22 -5.96 -14.79
CA VAL A 73 -5.55 -7.35 -15.02
C VAL A 73 -4.70 -8.18 -14.06
N TYR A 74 -5.36 -8.95 -13.19
CA TYR A 74 -4.65 -9.79 -12.22
C TYR A 74 -4.81 -11.26 -12.61
N VAL A 75 -3.68 -11.95 -12.77
CA VAL A 75 -3.68 -13.38 -13.14
C VAL A 75 -3.22 -14.18 -11.93
N HIS A 76 -4.14 -14.94 -11.34
CA HIS A 76 -3.87 -15.72 -10.13
C HIS A 76 -2.89 -16.85 -10.38
N GLY A 77 -2.20 -17.26 -9.31
CA GLY A 77 -1.27 -18.37 -9.35
C GLY A 77 -1.91 -19.64 -8.85
N GLY A 78 -1.07 -20.65 -8.63
CA GLY A 78 -1.56 -21.96 -8.22
C GLY A 78 -1.05 -23.08 -9.12
N GLY A 79 0.11 -22.84 -9.73
CA GLY A 79 0.79 -23.89 -10.49
C GLY A 79 0.04 -24.37 -11.71
N PHE A 80 -0.92 -23.59 -12.20
CA PHE A 80 -1.83 -23.93 -13.30
C PHE A 80 -2.78 -25.06 -12.95
N VAL A 81 -2.83 -25.48 -11.68
CA VAL A 81 -3.63 -26.65 -11.30
C VAL A 81 -4.72 -26.27 -10.31
N VAL A 82 -4.45 -25.30 -9.44
CA VAL A 82 -5.39 -24.88 -8.41
C VAL A 82 -5.61 -23.38 -8.53
N GLY A 83 -6.53 -22.87 -7.72
CA GLY A 83 -6.83 -21.46 -7.70
C GLY A 83 -7.98 -21.09 -8.61
N GLY A 84 -8.41 -19.84 -8.47
CA GLY A 84 -9.53 -19.35 -9.26
C GLY A 84 -9.87 -17.93 -8.86
N LEU A 85 -11.12 -17.54 -9.14
CA LEU A 85 -11.55 -16.20 -8.76
C LEU A 85 -11.62 -16.04 -7.25
N ASP A 86 -11.99 -17.09 -6.52
CA ASP A 86 -12.16 -16.93 -5.08
C ASP A 86 -10.84 -17.03 -4.32
N SER A 87 -9.89 -17.81 -4.85
CA SER A 87 -8.64 -18.04 -4.15
C SER A 87 -7.82 -16.76 -3.97
N HIS A 88 -7.94 -15.82 -4.91
CA HIS A 88 -7.20 -14.57 -4.85
C HIS A 88 -8.11 -13.35 -4.69
N ASP A 89 -9.34 -13.58 -4.24
CA ASP A 89 -10.36 -12.54 -4.28
C ASP A 89 -9.99 -11.34 -3.42
N ASP A 90 -9.47 -11.59 -2.22
CA ASP A 90 -9.20 -10.46 -1.34
C ASP A 90 -8.02 -9.62 -1.82
N VAL A 91 -7.02 -10.25 -2.45
CA VAL A 91 -5.91 -9.50 -3.05
C VAL A 91 -6.40 -8.57 -4.14
N CYS A 92 -7.22 -9.10 -5.07
CA CYS A 92 -7.79 -8.28 -6.13
C CYS A 92 -8.60 -7.13 -5.57
N ALA A 93 -9.45 -7.43 -4.58
CA ALA A 93 -10.31 -6.39 -4.03
C ALA A 93 -9.48 -5.29 -3.38
N GLU A 94 -8.38 -5.68 -2.72
CA GLU A 94 -7.50 -4.70 -2.08
C GLU A 94 -6.73 -3.87 -3.09
N ILE A 95 -6.34 -4.46 -4.22
CA ILE A 95 -5.72 -3.66 -5.27
C ILE A 95 -6.69 -2.61 -5.76
N ALA A 96 -7.93 -3.01 -6.07
CA ALA A 96 -8.92 -2.07 -6.57
C ALA A 96 -9.18 -0.97 -5.55
N ASP A 97 -9.37 -1.35 -4.28
CA ASP A 97 -9.65 -0.37 -3.23
C ASP A 97 -8.51 0.63 -3.06
N ALA A 98 -7.26 0.15 -3.06
CA ALA A 98 -6.12 1.02 -2.76
C ALA A 98 -5.80 1.95 -3.93
N THR A 99 -5.81 1.41 -5.15
CA THR A 99 -5.41 2.15 -6.34
C THR A 99 -6.53 2.95 -6.98
N GLY A 100 -7.79 2.61 -6.72
CA GLY A 100 -8.85 3.24 -7.50
C GLY A 100 -8.91 2.79 -8.93
N LEU A 101 -8.21 1.72 -9.29
CA LEU A 101 -8.25 1.16 -10.62
C LEU A 101 -9.14 -0.06 -10.63
N GLN A 102 -9.90 -0.23 -11.70
CA GLN A 102 -10.70 -1.43 -11.82
C GLN A 102 -9.80 -2.64 -11.99
N VAL A 103 -10.12 -3.72 -11.30
CA VAL A 103 -9.35 -4.96 -11.40
C VAL A 103 -10.18 -6.05 -12.07
N ILE A 104 -9.56 -6.75 -13.01
CA ILE A 104 -10.17 -7.89 -13.68
C ILE A 104 -9.34 -9.13 -13.36
N ALA A 105 -9.94 -10.08 -12.66
CA ALA A 105 -9.33 -11.37 -12.37
C ALA A 105 -9.82 -12.38 -13.39
N ILE A 106 -8.95 -13.31 -13.77
CA ILE A 106 -9.24 -14.22 -14.89
C ILE A 106 -9.33 -15.65 -14.39
N ASP A 107 -10.46 -16.30 -14.65
CA ASP A 107 -10.64 -17.72 -14.29
C ASP A 107 -10.25 -18.59 -15.49
N TYR A 108 -8.94 -18.65 -15.73
CA TYR A 108 -8.43 -19.44 -16.85
C TYR A 108 -8.57 -20.94 -16.59
N ARG A 109 -8.57 -21.71 -17.69
CA ARG A 109 -8.73 -23.15 -17.58
C ARG A 109 -7.50 -23.77 -16.94
N LEU A 110 -7.74 -24.83 -16.18
CA LEU A 110 -6.72 -25.42 -15.33
C LEU A 110 -6.24 -26.75 -15.88
N ALA A 111 -4.98 -27.02 -15.61
CA ALA A 111 -4.38 -28.32 -15.81
C ALA A 111 -4.76 -29.23 -14.65
N PRO A 112 -4.67 -30.56 -14.82
CA PRO A 112 -4.20 -31.37 -15.94
C PRO A 112 -5.23 -31.58 -17.04
N GLU A 113 -6.47 -31.15 -16.80
CA GLU A 113 -7.53 -31.37 -17.80
C GLU A 113 -7.31 -30.52 -19.04
N HIS A 114 -6.79 -29.31 -18.87
CA HIS A 114 -6.53 -28.39 -19.97
C HIS A 114 -5.05 -28.06 -19.96
N ARG A 115 -4.34 -28.59 -20.96
CA ARG A 115 -2.91 -28.47 -21.12
C ARG A 115 -2.58 -27.09 -21.70
N TRP A 116 -1.36 -26.63 -21.46
CA TRP A 116 -0.86 -25.47 -22.21
C TRP A 116 -1.01 -25.73 -23.71
N PRO A 117 -1.46 -24.74 -24.51
CA PRO A 117 -1.55 -23.30 -24.20
C PRO A 117 -2.92 -22.77 -23.80
N ALA A 118 -3.77 -23.61 -23.19
CA ALA A 118 -5.09 -23.15 -22.77
C ALA A 118 -5.00 -21.91 -21.90
N GLN A 119 -4.04 -21.89 -20.95
CA GLN A 119 -3.98 -20.83 -19.97
C GLN A 119 -3.66 -19.49 -20.64
N ILE A 120 -2.65 -19.46 -21.51
CA ILE A 120 -2.26 -18.19 -22.11
C ILE A 120 -3.29 -17.76 -23.15
N GLN A 121 -3.94 -18.70 -23.83
CA GLN A 121 -5.01 -18.34 -24.76
C GLN A 121 -6.20 -17.71 -24.03
N ASP A 122 -6.52 -18.21 -22.84
CA ASP A 122 -7.58 -17.61 -22.03
C ASP A 122 -7.21 -16.19 -21.60
N VAL A 123 -5.95 -15.97 -21.20
CA VAL A 123 -5.53 -14.63 -20.79
C VAL A 123 -5.52 -13.68 -21.99
N GLN A 124 -5.07 -14.15 -23.15
CA GLN A 124 -5.11 -13.32 -24.34
C GLN A 124 -6.55 -12.97 -24.71
N ALA A 125 -7.46 -13.95 -24.61
CA ALA A 125 -8.86 -13.68 -24.92
C ALA A 125 -9.40 -12.53 -24.08
N VAL A 126 -9.12 -12.53 -22.78
CA VAL A 126 -9.59 -11.46 -21.91
C VAL A 126 -8.93 -10.15 -22.27
N TRP A 127 -7.61 -10.17 -22.39
CA TRP A 127 -6.85 -8.96 -22.70
C TRP A 127 -7.33 -8.30 -23.98
N ASP A 128 -7.47 -9.09 -25.05
CA ASP A 128 -7.92 -8.54 -26.33
C ASP A 128 -9.33 -7.97 -26.21
N ALA A 129 -10.21 -8.67 -25.50
CA ALA A 129 -11.59 -8.21 -25.36
C ALA A 129 -11.69 -6.98 -24.49
N LEU A 130 -10.79 -6.82 -23.51
CA LEU A 130 -10.82 -5.64 -22.66
C LEU A 130 -10.55 -4.37 -23.45
N ASP A 131 -9.50 -4.38 -24.28
CA ASP A 131 -9.22 -3.27 -25.19
C ASP A 131 -9.14 -1.95 -24.44
N ARG A 132 -8.22 -1.92 -23.46
CA ARG A 132 -8.17 -0.97 -22.35
C ARG A 132 -6.73 -0.77 -21.96
N PRO A 133 -6.28 0.45 -21.71
CA PRO A 133 -5.01 0.63 -21.01
C PRO A 133 -5.06 -0.12 -19.68
N ALA A 134 -4.03 -0.93 -19.41
CA ALA A 134 -4.01 -1.66 -18.15
C ALA A 134 -2.59 -2.09 -17.77
N VAL A 135 -2.39 -2.24 -16.48
CA VAL A 135 -1.21 -2.87 -15.88
C VAL A 135 -1.55 -4.35 -15.76
N ILE A 136 -0.59 -5.23 -15.95
CA ILE A 136 -0.84 -6.65 -15.71
C ILE A 136 -0.01 -7.09 -14.52
N ALA A 137 -0.60 -7.92 -13.67
CA ALA A 137 0.04 -8.39 -12.44
C ALA A 137 -0.35 -9.84 -12.19
N GLY A 138 0.51 -10.56 -11.51
CA GLY A 138 0.22 -11.95 -11.21
C GLY A 138 1.23 -12.53 -10.25
N ASP A 139 0.81 -13.56 -9.53
CA ASP A 139 1.67 -14.28 -8.60
C ASP A 139 2.02 -15.66 -9.15
N SER A 140 3.30 -16.01 -9.07
CA SER A 140 3.81 -17.35 -9.35
C SER A 140 3.42 -17.76 -10.77
N ALA A 141 2.66 -18.84 -10.95
CA ALA A 141 2.27 -19.23 -12.31
C ALA A 141 1.47 -18.13 -13.00
N GLY A 142 0.75 -17.32 -12.22
CA GLY A 142 0.11 -16.14 -12.78
C GLY A 142 1.09 -15.06 -13.20
N GLY A 143 2.28 -15.02 -12.59
CA GLY A 143 3.31 -14.10 -13.05
C GLY A 143 3.92 -14.56 -14.36
N MET A 144 4.06 -15.87 -14.53
CA MET A 144 4.50 -16.39 -15.82
C MET A 144 3.49 -16.06 -16.91
N LEU A 145 2.21 -16.19 -16.60
CA LEU A 145 1.18 -15.87 -17.59
C LEU A 145 1.19 -14.38 -17.92
N SER A 146 1.41 -13.51 -16.92
CA SER A 146 1.51 -12.10 -17.26
C SER A 146 2.75 -11.80 -18.08
N ALA A 147 3.87 -12.44 -17.75
CA ALA A 147 5.08 -12.24 -18.55
C ALA A 147 4.89 -12.77 -19.97
N ALA A 148 4.22 -13.93 -20.11
CA ALA A 148 3.94 -14.51 -21.42
C ALA A 148 2.97 -13.67 -22.23
N LEU A 149 2.05 -12.98 -21.57
CA LEU A 149 1.16 -12.09 -22.27
C LEU A 149 1.90 -10.92 -22.84
N CYS A 150 2.73 -10.31 -22.01
CA CYS A 150 3.49 -9.18 -22.51
C CYS A 150 4.32 -9.55 -23.73
N LEU A 151 4.93 -10.74 -23.72
CA LEU A 151 5.76 -11.15 -24.85
C LEU A 151 4.95 -11.44 -26.09
N SER A 152 3.68 -11.78 -25.92
CA SER A 152 2.82 -12.08 -27.06
C SER A 152 2.00 -10.88 -27.52
N ARG A 153 2.07 -9.74 -26.80
CA ARG A 153 1.32 -8.55 -27.19
C ARG A 153 2.24 -7.33 -27.03
N ARG A 154 3.14 -7.17 -28.00
CA ARG A 154 4.11 -6.09 -28.04
C ARG A 154 3.79 -5.01 -29.07
N GLY A 155 2.53 -4.89 -29.51
CA GLY A 155 2.19 -3.84 -30.44
C GLY A 155 1.33 -2.71 -29.88
N GLN A 156 0.09 -2.64 -30.38
CA GLN A 156 -0.84 -1.55 -30.08
C GLN A 156 -1.00 -1.20 -28.59
N ARG A 157 -1.51 -2.08 -27.68
CA ARG A 157 -1.66 -3.55 -27.52
C ARG A 157 -1.17 -3.83 -26.08
N GLN A 158 0.03 -3.34 -25.81
CA GLN A 158 0.86 -3.86 -24.73
C GLN A 158 0.40 -3.38 -23.36
N PRO A 159 0.56 -4.21 -22.34
CA PRO A 159 0.38 -3.75 -20.96
C PRO A 159 1.20 -2.50 -20.68
N LEU A 160 0.69 -1.63 -19.81
CA LEU A 160 1.46 -0.48 -19.37
C LEU A 160 2.60 -0.88 -18.44
N GLY A 161 2.55 -2.07 -17.87
CA GLY A 161 3.55 -2.53 -16.93
C GLY A 161 3.20 -3.94 -16.53
N GLN A 162 4.21 -4.66 -16.04
CA GLN A 162 4.02 -6.03 -15.57
C GLN A 162 4.58 -6.13 -14.16
N VAL A 163 3.71 -6.52 -13.23
CA VAL A 163 4.07 -6.69 -11.82
C VAL A 163 4.04 -8.18 -11.56
N LEU A 164 5.23 -8.78 -11.36
CA LEU A 164 5.39 -10.21 -11.23
C LEU A 164 5.80 -10.54 -9.81
N ILE A 165 4.97 -11.35 -9.12
CA ILE A 165 5.06 -11.56 -7.67
C ILE A 165 5.47 -13.02 -7.45
N TYR A 166 6.66 -13.24 -6.84
CA TYR A 166 7.34 -14.54 -6.77
C TYR A 166 6.98 -15.41 -7.97
N PRO A 167 7.32 -14.97 -9.18
CA PRO A 167 6.99 -15.76 -10.38
C PRO A 167 7.97 -16.90 -10.60
N GLY A 168 7.46 -17.96 -11.23
CA GLY A 168 8.32 -18.93 -11.92
C GLY A 168 8.29 -18.60 -13.39
N LEU A 169 9.49 -18.47 -13.98
CA LEU A 169 9.57 -17.92 -15.32
C LEU A 169 10.33 -18.83 -16.27
N GLY A 170 10.42 -20.12 -15.94
CA GLY A 170 11.12 -21.04 -16.80
C GLY A 170 12.63 -21.06 -16.64
N GLY A 171 13.12 -20.82 -15.42
CA GLY A 171 14.53 -21.05 -15.17
C GLY A 171 14.85 -22.53 -15.27
N ASP A 172 16.05 -22.84 -15.77
CA ASP A 172 16.35 -24.25 -16.01
C ASP A 172 16.63 -25.02 -14.73
N GLY A 173 16.76 -24.35 -13.59
CA GLY A 173 16.98 -25.03 -12.34
C GLY A 173 18.41 -25.06 -11.85
N SER A 174 19.32 -24.32 -12.48
CA SER A 174 20.72 -24.33 -12.07
C SER A 174 21.14 -23.11 -11.25
N ALA A 175 20.29 -22.10 -11.11
CA ALA A 175 20.65 -20.95 -10.31
C ALA A 175 20.68 -21.33 -8.82
N PRO A 176 21.42 -20.58 -8.00
CA PRO A 176 21.62 -21.02 -6.61
C PRO A 176 20.34 -21.25 -5.82
N SER A 177 19.26 -20.50 -6.09
CA SER A 177 18.06 -20.64 -5.26
C SER A 177 17.45 -22.04 -5.35
N TYR A 178 17.68 -22.76 -6.46
CA TYR A 178 17.05 -24.07 -6.60
C TYR A 178 17.70 -25.10 -5.68
N ARG A 179 18.98 -24.92 -5.33
CA ARG A 179 19.60 -25.78 -4.33
C ARG A 179 19.40 -25.26 -2.90
N GLU A 180 19.65 -23.95 -2.69
CA GLU A 180 19.60 -23.40 -1.34
C GLU A 180 18.20 -23.46 -0.76
N ASN A 181 17.19 -23.40 -1.61
CA ASN A 181 15.79 -23.41 -1.16
C ASN A 181 15.05 -24.66 -1.64
N ALA A 182 15.77 -25.76 -1.89
CA ALA A 182 15.11 -26.97 -2.41
C ALA A 182 14.14 -27.56 -1.40
N GLY A 183 14.35 -27.35 -0.10
CA GLY A 183 13.45 -27.84 0.91
C GLY A 183 12.68 -26.74 1.61
N ALA A 184 12.47 -25.64 0.88
CA ALA A 184 11.89 -24.45 1.48
C ALA A 184 10.46 -24.72 1.95
N PRO A 185 10.01 -23.98 2.96
CA PRO A 185 8.59 -24.03 3.33
C PRO A 185 7.70 -23.60 2.18
N LEU A 186 6.58 -24.33 2.01
CA LEU A 186 5.44 -24.01 1.14
C LEU A 186 5.70 -24.23 -0.34
N LEU A 187 6.96 -24.40 -0.75
CA LEU A 187 7.27 -24.71 -2.14
C LEU A 187 8.67 -25.26 -2.23
N ARG A 188 8.79 -26.53 -2.62
CA ARG A 188 10.07 -27.18 -2.80
C ARG A 188 10.36 -27.36 -4.29
N THR A 189 11.63 -27.58 -4.60
CA THR A 189 11.98 -27.81 -6.00
C THR A 189 11.30 -29.05 -6.56
N GLU A 190 11.03 -30.05 -5.71
CA GLU A 190 10.36 -31.25 -6.20
C GLU A 190 8.88 -31.01 -6.53
N ASP A 191 8.21 -30.12 -5.79
CA ASP A 191 6.85 -29.74 -6.15
C ASP A 191 6.81 -29.07 -7.52
N LEU A 192 7.90 -28.39 -7.91
CA LEU A 192 7.96 -27.76 -9.23
C LEU A 192 7.74 -28.78 -10.34
N ALA A 193 8.35 -29.96 -10.22
CA ALA A 193 8.27 -30.97 -11.28
C ALA A 193 6.84 -31.48 -11.45
N THR A 194 6.20 -31.86 -10.34
CA THR A 194 4.82 -32.36 -10.40
C THR A 194 3.94 -31.45 -11.27
N TYR A 195 4.02 -30.14 -11.02
CA TYR A 195 3.18 -29.18 -11.72
C TYR A 195 3.59 -29.03 -13.19
N HIS A 196 4.89 -29.18 -13.49
CA HIS A 196 5.33 -29.04 -14.88
C HIS A 196 4.77 -30.14 -15.76
N ALA A 197 4.80 -31.40 -15.30
CA ALA A 197 4.10 -32.45 -16.02
C ALA A 197 2.63 -32.10 -16.16
N ALA A 198 2.06 -31.49 -15.14
CA ALA A 198 0.65 -31.19 -15.24
C ALA A 198 0.35 -30.11 -16.28
N LEU A 199 1.34 -29.37 -16.75
CA LEU A 199 0.97 -28.29 -17.67
C LEU A 199 1.19 -28.67 -19.12
N HIS A 200 2.25 -29.41 -19.43
CA HIS A 200 2.57 -29.77 -20.82
C HIS A 200 2.48 -31.27 -21.12
N GLY A 201 2.12 -32.10 -20.14
CA GLY A 201 2.27 -33.53 -20.33
C GLY A 201 3.74 -33.88 -20.50
N ASP A 202 4.07 -34.48 -21.64
CA ASP A 202 5.46 -34.82 -21.95
C ASP A 202 5.81 -34.56 -23.41
N GLY A 203 5.10 -33.64 -24.05
CA GLY A 203 5.41 -33.26 -25.40
C GLY A 203 6.48 -32.19 -25.46
N PRO A 204 6.59 -31.51 -26.60
CA PRO A 204 7.50 -30.37 -26.69
C PRO A 204 6.91 -29.14 -26.04
N VAL A 205 7.79 -28.31 -25.46
CA VAL A 205 7.36 -27.16 -24.68
C VAL A 205 7.37 -25.93 -25.59
N ASP A 206 6.22 -25.26 -25.66
CA ASP A 206 6.10 -24.00 -26.39
C ASP A 206 7.08 -22.98 -25.81
N PRO A 207 7.91 -22.34 -26.65
CA PRO A 207 8.86 -21.35 -26.13
C PRO A 207 8.23 -20.25 -25.27
N LEU A 208 6.99 -19.87 -25.56
CA LEU A 208 6.33 -18.81 -24.81
C LEU A 208 5.99 -19.22 -23.38
N ALA A 209 5.98 -20.52 -23.08
CA ALA A 209 5.79 -20.97 -21.70
C ALA A 209 7.04 -20.81 -20.84
N LEU A 210 8.13 -20.30 -21.41
CA LEU A 210 9.41 -20.19 -20.73
C LEU A 210 10.01 -18.81 -21.01
N PRO A 211 9.43 -17.75 -20.43
CA PRO A 211 9.95 -16.40 -20.69
C PRO A 211 11.46 -16.24 -20.50
N LEU A 212 12.06 -16.94 -19.54
CA LEU A 212 13.50 -16.81 -19.29
C LEU A 212 14.33 -17.43 -20.41
N GLN A 213 13.73 -18.27 -21.24
CA GLN A 213 14.43 -18.86 -22.38
C GLN A 213 14.12 -18.16 -23.69
N VAL A 214 13.19 -17.22 -23.70
CA VAL A 214 12.87 -16.51 -24.93
C VAL A 214 14.04 -15.62 -25.32
N GLU A 215 14.45 -15.71 -26.59
CA GLU A 215 15.71 -15.10 -27.01
C GLU A 215 15.57 -13.57 -27.09
N ASP A 216 14.45 -13.07 -27.61
CA ASP A 216 14.25 -11.64 -27.78
C ASP A 216 13.13 -11.14 -26.87
N LEU A 217 13.48 -10.26 -25.92
CA LEU A 217 12.54 -9.64 -24.98
C LEU A 217 12.33 -8.15 -25.23
N ALA A 218 12.86 -7.61 -26.32
CA ALA A 218 13.12 -6.18 -26.52
C ALA A 218 11.99 -5.23 -26.09
N GLY A 219 10.80 -5.41 -26.63
CA GLY A 219 9.80 -4.38 -26.39
C GLY A 219 8.67 -4.71 -25.44
N VAL A 220 8.90 -5.57 -24.46
CA VAL A 220 7.85 -5.85 -23.48
C VAL A 220 7.73 -4.70 -22.48
N ALA A 221 6.57 -4.65 -21.83
CA ALA A 221 6.27 -3.60 -20.87
C ALA A 221 7.30 -3.59 -19.74
N PRO A 222 7.55 -2.42 -19.14
CA PRO A 222 8.48 -2.36 -18.00
C PRO A 222 7.97 -3.21 -16.84
N ALA A 223 8.90 -3.64 -15.99
CA ALA A 223 8.60 -4.69 -15.02
C ALA A 223 9.00 -4.32 -13.59
N PHE A 224 8.17 -4.74 -12.64
CA PHE A 224 8.51 -4.77 -11.22
C PHE A 224 8.39 -6.23 -10.81
N VAL A 225 9.50 -6.83 -10.37
CA VAL A 225 9.58 -8.26 -10.13
C VAL A 225 10.03 -8.46 -8.69
N VAL A 226 9.13 -8.98 -7.85
CA VAL A 226 9.44 -9.17 -6.43
C VAL A 226 9.49 -10.67 -6.16
N SER A 227 10.57 -11.11 -5.50
CA SER A 227 10.74 -12.51 -5.18
C SER A 227 10.72 -12.74 -3.67
N ALA A 228 10.31 -13.94 -3.27
CA ALA A 228 10.53 -14.41 -1.92
C ALA A 228 11.94 -14.98 -1.79
N ASP A 229 12.66 -14.62 -0.74
CA ASP A 229 14.04 -15.10 -0.66
C ASP A 229 14.12 -16.60 -0.40
N VAL A 230 13.17 -17.16 0.34
CA VAL A 230 13.24 -18.56 0.77
C VAL A 230 12.31 -19.35 -0.13
N ASP A 231 12.66 -19.42 -1.39
CA ASP A 231 11.81 -19.86 -2.50
C ASP A 231 12.78 -20.41 -3.55
N PRO A 232 12.61 -21.65 -4.02
CA PRO A 232 13.53 -22.13 -5.09
C PRO A 232 13.44 -21.27 -6.34
N LEU A 233 12.31 -20.62 -6.58
CA LEU A 233 12.11 -19.80 -7.77
C LEU A 233 12.72 -18.41 -7.65
N ARG A 234 13.32 -18.05 -6.50
CA ARG A 234 13.78 -16.67 -6.31
C ARG A 234 14.63 -16.16 -7.47
N ASP A 235 15.62 -16.93 -7.90
CA ASP A 235 16.56 -16.39 -8.87
C ASP A 235 15.99 -16.32 -10.29
N ASP A 236 14.77 -16.83 -10.52
CA ASP A 236 14.08 -16.53 -11.77
C ASP A 236 13.78 -15.04 -11.85
N ALA A 237 13.39 -14.43 -10.72
CA ALA A 237 13.15 -12.99 -10.69
C ALA A 237 14.43 -12.21 -10.98
N ARG A 238 15.52 -12.58 -10.29
CA ARG A 238 16.80 -11.94 -10.52
C ARG A 238 17.23 -12.10 -11.97
N ASP A 239 17.12 -13.31 -12.50
CA ASP A 239 17.52 -13.58 -13.87
C ASP A 239 16.70 -12.78 -14.87
N TYR A 240 15.36 -12.72 -14.69
CA TYR A 240 14.55 -12.07 -15.71
C TYR A 240 14.81 -10.58 -15.71
N VAL A 241 14.93 -9.97 -14.54
CA VAL A 241 15.24 -8.55 -14.49
C VAL A 241 16.56 -8.28 -15.21
N GLN A 242 17.52 -9.16 -15.04
CA GLN A 242 18.80 -8.98 -15.72
C GLN A 242 18.63 -9.05 -17.24
N ARG A 243 17.92 -10.08 -17.72
CA ARG A 243 17.70 -10.24 -19.16
C ARG A 243 16.87 -9.10 -19.74
N LEU A 244 15.89 -8.60 -18.96
CA LEU A 244 15.08 -7.48 -19.45
C LEU A 244 15.91 -6.22 -19.62
N ARG A 245 16.78 -5.90 -18.66
CA ARG A 245 17.60 -4.70 -18.81
C ARG A 245 18.58 -4.84 -19.98
N ALA A 246 19.06 -6.06 -20.23
CA ALA A 246 19.92 -6.29 -21.37
C ALA A 246 19.19 -6.14 -22.69
N ALA A 247 17.85 -6.13 -22.67
CA ALA A 247 17.03 -5.92 -23.86
C ALA A 247 16.46 -4.51 -23.91
N GLY A 248 16.98 -3.58 -23.12
CA GLY A 248 16.48 -2.23 -23.12
C GLY A 248 15.25 -1.96 -22.28
N VAL A 249 14.68 -2.99 -21.62
CA VAL A 249 13.46 -2.84 -20.80
C VAL A 249 13.81 -2.43 -19.38
N ALA A 250 13.06 -1.48 -18.84
CA ALA A 250 13.21 -1.08 -17.45
C ALA A 250 12.63 -2.16 -16.54
N ALA A 251 13.38 -2.48 -15.48
CA ALA A 251 12.99 -3.56 -14.60
C ALA A 251 13.63 -3.33 -13.25
N GLU A 252 12.82 -3.51 -12.20
CA GLU A 252 13.28 -3.40 -10.82
C GLU A 252 13.13 -4.78 -10.19
N TRP A 253 14.17 -5.23 -9.49
CA TRP A 253 14.14 -6.46 -8.71
C TRP A 253 14.05 -6.10 -7.23
N ARG A 254 13.02 -6.59 -6.55
CA ARG A 254 12.92 -6.54 -5.10
C ARG A 254 12.94 -7.96 -4.59
N ASN A 255 13.84 -8.25 -3.67
CA ASN A 255 13.89 -9.56 -3.05
C ASN A 255 13.45 -9.43 -1.61
N GLU A 256 12.74 -10.43 -1.10
CA GLU A 256 12.14 -10.32 0.22
C GLU A 256 12.80 -11.26 1.24
N PRO A 257 13.74 -10.78 2.06
CA PRO A 257 14.32 -11.65 3.09
C PRO A 257 13.25 -12.25 4.00
N GLU A 258 13.47 -13.49 4.43
CA GLU A 258 12.69 -14.19 5.46
C GLU A 258 11.27 -14.57 5.02
N LEU A 259 10.93 -14.43 3.75
CA LEU A 259 9.59 -14.75 3.28
C LEU A 259 9.64 -15.98 2.38
N PRO A 260 8.68 -16.89 2.50
CA PRO A 260 8.57 -18.02 1.58
C PRO A 260 7.66 -17.68 0.39
N HIS A 261 7.65 -18.59 -0.58
CA HIS A 261 6.69 -18.53 -1.67
C HIS A 261 5.28 -18.44 -1.08
N GLY A 262 4.41 -17.68 -1.76
CA GLY A 262 3.03 -17.57 -1.36
C GLY A 262 2.74 -16.58 -0.25
N TYR A 263 3.67 -15.66 0.02
CA TYR A 263 3.56 -14.80 1.19
C TYR A 263 2.46 -13.73 1.07
N LEU A 264 1.81 -13.54 -0.09
CA LEU A 264 0.72 -12.58 -0.15
C LEU A 264 -0.34 -12.89 0.91
N ARG A 265 -0.55 -14.18 1.20
CA ARG A 265 -1.51 -14.60 2.19
C ARG A 265 -1.08 -14.27 3.62
N ALA A 266 0.18 -13.88 3.83
CA ALA A 266 0.67 -13.52 5.16
C ALA A 266 0.57 -12.03 5.46
N ARG A 267 0.04 -11.23 4.54
CA ARG A 267 0.11 -9.78 4.70
C ARG A 267 -0.73 -9.27 5.85
N ARG A 268 -1.66 -10.08 6.34
CA ARG A 268 -2.51 -9.73 7.49
C ARG A 268 -1.88 -10.10 8.83
N GLU A 269 -0.72 -10.77 8.83
CA GLU A 269 -0.11 -11.19 10.06
C GLU A 269 1.42 -11.06 10.09
N SER A 270 2.04 -10.54 9.04
CA SER A 270 3.49 -10.43 8.93
C SER A 270 3.87 -9.04 8.46
N ASP A 271 4.68 -8.34 9.27
CA ASP A 271 5.15 -7.02 8.89
C ASP A 271 5.89 -7.07 7.56
N ARG A 272 6.77 -8.07 7.39
CA ARG A 272 7.53 -8.19 6.16
C ARG A 272 6.62 -8.33 4.95
N ALA A 273 5.63 -9.21 5.06
CA ALA A 273 4.72 -9.45 3.94
C ALA A 273 3.78 -8.26 3.72
N ARG A 274 3.32 -7.66 4.80
CA ARG A 274 2.50 -6.45 4.68
C ARG A 274 3.25 -5.34 3.95
N ARG A 275 4.52 -5.09 4.32
CA ARG A 275 5.28 -4.07 3.59
C ARG A 275 5.50 -4.45 2.13
N SER A 276 5.69 -5.74 1.86
CA SER A 276 5.89 -6.16 0.47
C SER A 276 4.67 -5.85 -0.37
N PHE A 277 3.48 -6.10 0.18
CA PHE A 277 2.28 -5.82 -0.60
C PHE A 277 2.09 -4.31 -0.77
N GLN A 278 2.49 -3.53 0.25
CA GLN A 278 2.49 -2.07 0.12
C GLN A 278 3.37 -1.62 -1.04
N ALA A 279 4.51 -2.29 -1.22
CA ALA A 279 5.41 -1.97 -2.34
C ALA A 279 4.83 -2.43 -3.67
N ILE A 280 4.15 -3.57 -3.66
CA ILE A 280 3.49 -4.07 -4.87
C ILE A 280 2.39 -3.12 -5.34
N LEU A 281 1.54 -2.69 -4.40
CA LEU A 281 0.52 -1.71 -4.74
C LEU A 281 1.12 -0.44 -5.33
N SER A 282 2.20 0.05 -4.72
CA SER A 282 2.85 1.26 -5.21
C SER A 282 3.42 1.07 -6.62
N ALA A 283 3.99 -0.12 -6.91
CA ALA A 283 4.53 -0.41 -8.24
C ALA A 283 3.42 -0.39 -9.29
N ILE A 284 2.27 -0.94 -8.92
CA ILE A 284 1.13 -0.92 -9.83
C ILE A 284 0.73 0.51 -10.11
N MET A 285 0.59 1.32 -9.05
CA MET A 285 0.20 2.72 -9.19
C MET A 285 1.21 3.49 -10.02
N ARG A 286 2.50 3.22 -9.82
CA ARG A 286 3.54 3.85 -10.64
C ARG A 286 3.31 3.58 -12.12
N PHE A 287 3.10 2.32 -12.50
CA PHE A 287 2.91 1.97 -13.90
C PHE A 287 1.60 2.51 -14.45
N ALA A 288 0.58 2.65 -13.60
CA ALA A 288 -0.76 2.92 -14.12
C ALA A 288 -0.90 4.34 -14.62
N VAL A 289 -0.33 5.30 -13.89
CA VAL A 289 -0.40 6.71 -14.25
C VAL A 289 0.19 6.99 -15.64
N ARG A 290 -0.57 6.64 -16.68
CA ARG A 290 -0.29 7.01 -18.07
C ARG A 290 -1.53 6.77 -18.92
N GLY A 291 -1.46 5.84 -19.88
CA GLY A 291 -2.60 5.57 -20.73
C GLY A 291 -2.33 4.61 -21.89
N MET B 1 -22.15 3.15 16.26
CA MET B 1 -20.97 2.83 17.09
C MET B 1 -20.16 1.67 16.48
N ILE B 2 -18.87 1.61 16.80
CA ILE B 2 -17.99 0.66 16.14
C ILE B 2 -18.36 -0.76 16.56
N SER B 3 -18.43 -1.68 15.58
CA SER B 3 -18.65 -3.09 15.89
C SER B 3 -17.54 -4.01 15.41
N ASP B 4 -16.60 -3.52 14.60
CA ASP B 4 -15.49 -4.33 14.09
C ASP B 4 -14.64 -4.78 15.27
N PRO B 5 -14.60 -6.09 15.56
CA PRO B 5 -13.86 -6.55 16.75
C PRO B 5 -12.39 -6.24 16.70
N GLN B 6 -11.77 -6.19 15.52
CA GLN B 6 -10.38 -5.81 15.44
C GLN B 6 -10.17 -4.38 15.94
N VAL B 7 -11.06 -3.46 15.57
CA VAL B 7 -10.75 -2.09 15.94
C VAL B 7 -11.25 -1.77 17.34
N LEU B 8 -12.29 -2.47 17.83
CA LEU B 8 -12.59 -2.44 19.26
C LEU B 8 -11.41 -2.95 20.08
N GLY B 9 -10.72 -3.97 19.58
CA GLY B 9 -9.52 -4.45 20.23
C GLY B 9 -8.40 -3.42 20.24
N PHE B 10 -8.20 -2.77 19.09
CA PHE B 10 -7.23 -1.68 19.01
C PHE B 10 -7.57 -0.55 19.99
N ILE B 11 -8.86 -0.19 20.06
CA ILE B 11 -9.27 0.89 20.96
C ILE B 11 -8.98 0.51 22.40
N ALA B 12 -9.37 -0.72 22.79
CA ALA B 12 -9.08 -1.20 24.15
C ALA B 12 -7.59 -1.18 24.45
N ARG B 13 -6.74 -1.54 23.49
CA ARG B 13 -5.30 -1.56 23.74
C ARG B 13 -4.72 -0.15 23.83
N THR B 14 -5.29 0.80 23.07
CA THR B 14 -4.82 2.19 23.15
C THR B 14 -5.19 2.80 24.50
N GLU B 15 -6.41 2.53 24.96
CA GLU B 15 -6.84 3.05 26.25
C GLU B 15 -6.02 2.45 27.39
N ALA B 16 -5.69 1.16 27.30
CA ALA B 16 -4.86 0.53 28.33
C ALA B 16 -3.43 1.07 28.32
N ALA B 17 -2.91 1.46 27.16
CA ALA B 17 -1.55 1.98 27.08
C ALA B 17 -1.48 3.47 27.36
N TYR B 18 -2.62 4.11 27.59
CA TYR B 18 -2.73 5.56 27.51
C TYR B 18 -3.81 6.00 28.48
N PRO B 19 -3.58 5.84 29.78
CA PRO B 19 -4.65 6.11 30.77
C PRO B 19 -5.23 7.50 30.60
N PRO B 20 -6.55 7.61 30.35
CA PRO B 20 -7.16 8.93 30.10
C PRO B 20 -7.21 9.81 31.35
N GLU B 21 -6.04 10.29 31.77
CA GLU B 21 -5.93 11.33 32.78
C GLU B 21 -4.93 12.39 32.36
N ALA B 22 -4.28 12.23 31.20
CA ALA B 22 -3.32 13.21 30.70
C ALA B 22 -4.06 14.44 30.19
N ASN B 23 -3.75 15.60 30.78
CA ASN B 23 -4.44 16.85 30.49
C ASN B 23 -3.68 18.06 31.03
N GLY B 24 -4.16 18.59 32.15
CA GLY B 24 -3.37 19.45 33.00
C GLY B 24 -2.34 18.63 33.75
N ALA B 25 -2.16 17.37 33.30
CA ALA B 25 -1.03 16.56 33.72
C ALA B 25 0.27 17.35 33.62
N SER B 26 0.63 17.73 32.39
CA SER B 26 1.77 18.56 32.03
C SER B 26 2.09 18.30 30.56
N ALA B 27 2.54 19.31 29.81
CA ALA B 27 3.00 19.05 28.45
C ALA B 27 4.12 18.03 28.47
N ALA B 28 5.00 18.12 29.46
CA ALA B 28 6.06 17.13 29.66
C ALA B 28 5.48 15.75 29.90
N ASP B 29 4.45 15.63 30.74
CA ASP B 29 3.88 14.33 31.02
C ASP B 29 3.11 13.79 29.81
N ASN B 30 2.39 14.67 29.09
CA ASN B 30 1.65 14.22 27.90
C ASN B 30 2.60 13.71 26.83
N ARG B 31 3.74 14.38 26.64
CA ARG B 31 4.72 13.87 25.67
C ARG B 31 5.21 12.49 26.05
N ARG B 32 5.45 12.26 27.35
CA ARG B 32 5.90 10.94 27.78
C ARG B 32 4.82 9.89 27.51
N PHE B 33 3.57 10.18 27.90
CA PHE B 33 2.50 9.21 27.71
C PHE B 33 2.26 8.91 26.24
N TYR B 34 2.39 9.92 25.37
CA TYR B 34 2.14 9.72 23.94
C TYR B 34 3.19 8.81 23.31
N ASP B 35 4.46 8.96 23.70
CA ASP B 35 5.50 8.08 23.17
C ASP B 35 5.33 6.65 23.68
N ALA B 36 4.90 6.48 24.94
CA ALA B 36 4.66 5.14 25.47
C ALA B 36 3.54 4.43 24.73
N MET B 37 2.48 5.17 24.39
CA MET B 37 1.43 4.68 23.49
C MET B 37 2.02 4.27 22.14
N CYS B 38 2.71 5.19 21.48
CA CYS B 38 3.25 4.92 20.15
C CYS B 38 4.12 3.67 20.12
N ALA B 39 4.84 3.39 21.20
CA ALA B 39 5.75 2.26 21.27
C ALA B 39 5.01 0.93 21.34
N VAL B 40 3.83 0.90 21.96
CA VAL B 40 3.01 -0.32 21.94
C VAL B 40 2.74 -0.77 20.50
N PHE B 41 2.42 0.17 19.63
CA PHE B 41 1.91 -0.14 18.30
C PHE B 41 2.97 -0.08 17.21
N ARG B 42 4.16 0.46 17.55
CA ARG B 42 5.22 0.71 16.58
C ARG B 42 5.64 -0.58 15.89
N GLY B 43 5.76 -0.52 14.56
CA GLY B 43 6.25 -1.63 13.79
C GLY B 43 7.74 -1.51 13.58
N PRO B 44 8.37 -2.58 13.07
CA PRO B 44 9.82 -2.56 12.87
C PRO B 44 10.21 -1.72 11.68
N ARG B 45 11.42 -1.18 11.74
CA ARG B 45 11.94 -0.51 10.56
C ARG B 45 12.24 -1.55 9.48
N PRO B 46 12.03 -1.20 8.22
CA PRO B 46 12.47 -2.09 7.15
C PRO B 46 13.98 -2.16 7.12
N PRO B 47 14.57 -3.36 7.23
CA PRO B 47 16.03 -3.46 7.19
C PRO B 47 16.51 -3.09 5.81
N GLY B 48 17.69 -2.48 5.75
CA GLY B 48 18.20 -1.95 4.52
C GLY B 48 17.82 -0.51 4.24
N LEU B 49 16.78 0.00 4.87
CA LEU B 49 16.40 1.39 4.67
C LEU B 49 17.42 2.27 5.37
N VAL B 50 18.04 3.20 4.64
CA VAL B 50 18.95 4.15 5.27
C VAL B 50 18.14 5.28 5.88
N VAL B 51 18.51 5.66 7.09
CA VAL B 51 17.77 6.67 7.83
C VAL B 51 18.81 7.50 8.58
N GLY B 52 18.71 8.81 8.48
CA GLY B 52 19.58 9.69 9.24
C GLY B 52 18.91 11.01 9.52
N ASP B 53 19.40 11.68 10.54
CA ASP B 53 18.89 12.98 10.95
C ASP B 53 19.72 14.09 10.32
N ARG B 54 19.10 15.26 10.16
CA ARG B 54 19.77 16.36 9.48
C ARG B 54 18.96 17.62 9.68
N ARG B 55 19.66 18.74 9.91
CA ARG B 55 19.03 20.05 9.98
C ARG B 55 18.76 20.56 8.56
N ILE B 56 17.54 21.00 8.31
CA ILE B 56 17.13 21.46 6.99
C ILE B 56 16.43 22.80 7.19
N GLY B 57 17.06 23.89 6.74
CA GLY B 57 16.54 25.22 6.98
C GLY B 57 16.40 25.54 8.45
N GLY B 58 17.30 25.02 9.29
CA GLY B 58 17.28 25.32 10.70
C GLY B 58 16.33 24.47 11.53
N VAL B 59 15.61 23.53 10.93
CA VAL B 59 14.66 22.68 11.63
C VAL B 59 15.20 21.26 11.65
N PRO B 60 15.25 20.59 12.81
CA PRO B 60 15.70 19.20 12.84
C PRO B 60 14.76 18.32 12.04
N CYS B 61 15.34 17.46 11.18
CA CYS B 61 14.56 16.55 10.35
C CYS B 61 15.17 15.16 10.38
N ARG B 62 14.36 14.18 9.96
CA ARG B 62 14.83 12.82 9.74
C ARG B 62 14.57 12.45 8.28
N VAL B 63 15.57 11.89 7.61
CA VAL B 63 15.52 11.58 6.20
C VAL B 63 15.55 10.07 6.02
N TYR B 64 14.57 9.54 5.30
CA TYR B 64 14.40 8.10 5.07
C TYR B 64 14.65 7.79 3.60
N GLY B 65 15.62 6.93 3.32
CA GLY B 65 15.80 6.45 1.96
C GLY B 65 16.72 7.33 1.12
N ALA B 66 17.10 6.79 -0.03
CA ALA B 66 18.06 7.45 -0.91
C ALA B 66 17.41 8.63 -1.63
N ASP B 67 18.23 9.61 -2.00
CA ASP B 67 17.77 10.76 -2.77
C ASP B 67 16.96 10.33 -3.98
N SER B 68 15.87 11.03 -4.24
CA SER B 68 14.96 10.69 -5.33
C SER B 68 14.54 11.95 -6.08
N ALA B 69 14.15 11.77 -7.34
CA ALA B 69 13.68 12.90 -8.15
C ALA B 69 12.44 13.55 -7.54
N VAL B 70 11.56 12.76 -6.95
CA VAL B 70 10.42 13.29 -6.20
C VAL B 70 10.52 12.78 -4.76
N SER B 71 10.25 13.65 -3.79
CA SER B 71 10.29 13.27 -2.38
C SER B 71 8.89 13.35 -1.77
N VAL B 72 8.82 12.99 -0.50
CA VAL B 72 7.61 13.14 0.31
C VAL B 72 8.00 13.86 1.59
N VAL B 73 7.34 14.97 1.88
CA VAL B 73 7.54 15.66 3.16
C VAL B 73 6.39 15.26 4.05
N TYR B 74 6.68 14.66 5.20
CA TYR B 74 5.66 14.21 6.14
C TYR B 74 5.66 15.07 7.39
N VAL B 75 4.47 15.54 7.79
CA VAL B 75 4.30 16.40 8.95
C VAL B 75 3.45 15.65 9.97
N HIS B 76 4.05 15.31 11.10
CA HIS B 76 3.39 14.50 12.11
C HIS B 76 2.29 15.28 12.84
N GLY B 77 1.36 14.52 13.43
CA GLY B 77 0.33 15.07 14.27
C GLY B 77 0.73 15.12 15.74
N GLY B 78 -0.25 15.45 16.58
CA GLY B 78 -0.02 15.53 18.01
C GLY B 78 -0.56 16.80 18.63
N GLY B 79 -1.48 17.47 17.91
CA GLY B 79 -2.11 18.68 18.39
C GLY B 79 -1.13 19.78 18.75
N PHE B 80 0.00 19.81 18.06
CA PHE B 80 1.09 20.77 18.20
C PHE B 80 1.73 20.77 19.60
N VAL B 81 1.42 19.79 20.45
CA VAL B 81 2.01 19.71 21.77
C VAL B 81 2.88 18.47 21.94
N VAL B 82 2.56 17.35 21.28
CA VAL B 82 3.27 16.10 21.45
C VAL B 82 3.73 15.61 20.08
N GLY B 83 4.52 14.54 20.10
CA GLY B 83 5.01 13.97 18.87
C GLY B 83 6.40 14.47 18.53
N GLY B 84 6.93 13.94 17.43
CA GLY B 84 8.30 14.21 17.06
C GLY B 84 8.78 13.23 16.02
N LEU B 85 10.10 13.07 15.95
CA LEU B 85 10.65 12.20 14.92
C LEU B 85 10.40 10.73 15.24
N ASP B 86 10.44 10.35 16.51
CA ASP B 86 10.24 8.94 16.87
C ASP B 86 8.76 8.54 16.92
N SER B 87 7.85 9.48 17.14
CA SER B 87 6.45 9.08 17.28
C SER B 87 5.88 8.59 15.95
N HIS B 88 6.38 9.07 14.81
CA HIS B 88 5.80 8.67 13.54
C HIS B 88 6.84 7.97 12.66
N ASP B 89 7.84 7.38 13.31
CA ASP B 89 9.00 6.88 12.59
C ASP B 89 8.65 5.73 11.65
N ASP B 90 7.88 4.75 12.14
CA ASP B 90 7.58 3.60 11.31
C ASP B 90 6.67 3.94 10.15
N VAL B 91 5.79 4.93 10.31
CA VAL B 91 4.95 5.36 9.19
C VAL B 91 5.81 5.95 8.07
N CYS B 92 6.72 6.85 8.42
CA CYS B 92 7.58 7.46 7.41
C CYS B 92 8.47 6.42 6.76
N ALA B 93 9.00 5.51 7.57
CA ALA B 93 9.87 4.46 7.03
C ALA B 93 9.10 3.58 6.04
N GLU B 94 7.84 3.28 6.33
CA GLU B 94 7.06 2.46 5.40
C GLU B 94 6.66 3.24 4.15
N ILE B 95 6.44 4.55 4.27
CA ILE B 95 6.21 5.34 3.06
C ILE B 95 7.44 5.27 2.15
N ALA B 96 8.61 5.48 2.73
CA ALA B 96 9.85 5.41 1.95
C ALA B 96 10.01 4.03 1.27
N ASP B 97 9.88 2.96 2.05
CA ASP B 97 10.09 1.60 1.52
C ASP B 97 9.11 1.24 0.41
N ALA B 98 7.84 1.60 0.58
CA ALA B 98 6.82 1.19 -0.37
C ALA B 98 6.93 2.00 -1.65
N THR B 99 7.14 3.31 -1.55
CA THR B 99 7.10 4.18 -2.72
C THR B 99 8.45 4.31 -3.41
N GLY B 100 9.54 4.04 -2.70
CA GLY B 100 10.86 4.36 -3.25
C GLY B 100 11.17 5.83 -3.28
N LEU B 101 10.33 6.67 -2.70
CA LEU B 101 10.58 8.09 -2.62
C LEU B 101 11.25 8.38 -1.29
N GLN B 102 12.19 9.32 -1.29
CA GLN B 102 12.78 9.76 -0.04
C GLN B 102 11.75 10.53 0.79
N VAL B 103 11.72 10.24 2.08
CA VAL B 103 10.79 10.90 3.01
C VAL B 103 11.58 11.81 3.94
N ILE B 104 11.06 13.01 4.16
CA ILE B 104 11.65 13.96 5.11
C ILE B 104 10.59 14.25 6.16
N ALA B 105 10.84 13.82 7.40
CA ALA B 105 9.94 14.13 8.51
C ALA B 105 10.47 15.37 9.24
N ILE B 106 9.55 16.22 9.70
CA ILE B 106 9.88 17.54 10.23
C ILE B 106 9.63 17.56 11.74
N ASP B 107 10.67 17.87 12.51
CA ASP B 107 10.56 17.98 13.96
C ASP B 107 10.28 19.44 14.32
N TYR B 108 9.06 19.88 14.00
CA TYR B 108 8.73 21.29 14.19
C TYR B 108 8.60 21.63 15.67
N ARG B 109 8.77 22.91 15.98
CA ARG B 109 8.72 23.35 17.38
C ARG B 109 7.32 23.19 17.96
N LEU B 110 7.27 22.74 19.21
CA LEU B 110 6.01 22.44 19.88
C LEU B 110 5.65 23.53 20.86
N ALA B 111 4.37 23.70 21.08
CA ALA B 111 3.91 24.55 22.16
C ALA B 111 3.61 23.68 23.37
N PRO B 112 3.42 24.30 24.56
CA PRO B 112 3.30 25.72 24.92
C PRO B 112 4.60 26.54 24.86
N GLU B 113 5.76 25.91 24.72
CA GLU B 113 7.01 26.67 24.64
C GLU B 113 7.08 27.54 23.39
N HIS B 114 6.58 27.04 22.27
CA HIS B 114 6.59 27.79 21.01
C HIS B 114 5.19 27.76 20.44
N ARG B 115 4.47 28.89 20.53
CA ARG B 115 3.11 28.96 20.06
C ARG B 115 3.05 29.32 18.58
N TRP B 116 1.89 29.11 17.98
CA TRP B 116 1.69 29.44 16.58
C TRP B 116 2.07 30.90 16.34
N PRO B 117 2.71 31.23 15.20
CA PRO B 117 2.92 30.38 14.02
C PRO B 117 4.27 29.66 13.90
N ALA B 118 4.89 29.28 15.02
CA ALA B 118 6.16 28.55 14.95
C ALA B 118 6.05 27.29 14.10
N GLN B 119 4.94 26.55 14.23
CA GLN B 119 4.83 25.26 13.55
C GLN B 119 4.84 25.42 12.03
N ILE B 120 4.05 26.36 11.51
CA ILE B 120 3.97 26.55 10.06
C ILE B 120 5.23 27.25 9.54
N GLN B 121 5.86 28.11 10.35
CA GLN B 121 7.13 28.71 9.93
C GLN B 121 8.19 27.64 9.79
N ASP B 122 8.20 26.65 10.68
CA ASP B 122 9.17 25.55 10.58
C ASP B 122 8.90 24.71 9.35
N VAL B 123 7.64 24.39 9.07
CA VAL B 123 7.33 23.61 7.88
C VAL B 123 7.73 24.37 6.63
N GLN B 124 7.40 25.67 6.56
CA GLN B 124 7.79 26.47 5.41
C GLN B 124 9.31 26.53 5.26
N ALA B 125 10.03 26.59 6.38
CA ALA B 125 11.49 26.68 6.33
C ALA B 125 12.10 25.41 5.75
N VAL B 126 11.59 24.24 6.18
CA VAL B 126 12.04 22.98 5.59
C VAL B 126 11.66 22.94 4.12
N TRP B 127 10.39 23.25 3.81
CA TRP B 127 9.92 23.19 2.42
C TRP B 127 10.79 24.07 1.52
N ASP B 128 11.05 25.31 1.95
CA ASP B 128 11.82 26.22 1.09
C ASP B 128 13.27 25.77 0.96
N ALA B 129 13.85 25.21 2.01
CA ALA B 129 15.22 24.71 1.95
C ALA B 129 15.33 23.49 1.03
N LEU B 130 14.31 22.63 1.02
CA LEU B 130 14.39 21.43 0.21
C LEU B 130 14.39 21.76 -1.29
N ASP B 131 13.56 22.73 -1.70
CA ASP B 131 13.55 23.27 -3.06
C ASP B 131 13.56 22.17 -4.11
N ARG B 132 12.59 21.26 -4.01
CA ARG B 132 12.57 20.08 -4.86
C ARG B 132 11.12 19.63 -5.04
N PRO B 133 10.83 18.88 -6.10
CA PRO B 133 9.47 18.34 -6.26
C PRO B 133 9.13 17.38 -5.14
N ALA B 134 7.94 17.52 -4.57
CA ALA B 134 7.61 16.70 -3.42
C ALA B 134 6.12 16.67 -3.17
N VAL B 135 5.63 15.53 -2.71
CA VAL B 135 4.31 15.38 -2.13
C VAL B 135 4.40 15.72 -0.64
N ILE B 136 3.38 16.40 -0.13
CA ILE B 136 3.31 16.68 1.30
C ILE B 136 2.16 15.89 1.89
N ALA B 137 2.37 15.38 3.10
CA ALA B 137 1.40 14.50 3.76
C ALA B 137 1.50 14.71 5.26
N GLY B 138 0.38 14.54 5.96
CA GLY B 138 0.41 14.69 7.41
C GLY B 138 -0.88 14.20 8.02
N ASP B 139 -0.78 13.83 9.30
CA ASP B 139 -1.91 13.35 10.08
C ASP B 139 -2.36 14.38 11.10
N SER B 140 -3.67 14.52 11.26
CA SER B 140 -4.25 15.28 12.37
C SER B 140 -3.73 16.71 12.29
N ALA B 141 -3.14 17.26 13.35
CA ALA B 141 -2.61 18.61 13.28
C ALA B 141 -1.54 18.74 12.19
N GLY B 142 -0.82 17.65 11.90
CA GLY B 142 0.14 17.68 10.83
C GLY B 142 -0.50 17.74 9.46
N GLY B 143 -1.74 17.27 9.35
CA GLY B 143 -2.48 17.47 8.11
C GLY B 143 -2.87 18.91 7.91
N MET B 144 -3.16 19.62 9.00
CA MET B 144 -3.49 21.03 8.87
C MET B 144 -2.27 21.82 8.44
N LEU B 145 -1.10 21.50 9.01
CA LEU B 145 0.15 22.12 8.58
C LEU B 145 0.41 21.86 7.10
N SER B 146 0.14 20.65 6.64
CA SER B 146 0.31 20.33 5.23
C SER B 146 -0.61 21.17 4.37
N ALA B 147 -1.88 21.31 4.78
CA ALA B 147 -2.81 22.12 4.02
C ALA B 147 -2.41 23.59 4.04
N ALA B 148 -2.00 24.09 5.21
CA ALA B 148 -1.58 25.48 5.30
C ALA B 148 -0.33 25.75 4.47
N LEU B 149 0.58 24.78 4.40
CA LEU B 149 1.79 25.01 3.60
C LEU B 149 1.43 25.18 2.13
N CYS B 150 0.58 24.29 1.59
CA CYS B 150 0.15 24.41 0.21
C CYS B 150 -0.45 25.78 -0.08
N LEU B 151 -1.28 26.27 0.85
CA LEU B 151 -1.98 27.53 0.64
C LEU B 151 -1.01 28.71 0.60
N SER B 152 0.13 28.58 1.29
CA SER B 152 1.09 29.67 1.40
C SER B 152 2.25 29.55 0.41
N ARG B 153 2.27 28.53 -0.42
CA ARG B 153 3.41 28.31 -1.30
C ARG B 153 2.93 28.04 -2.72
N ARG B 154 1.83 28.69 -3.10
CA ARG B 154 1.29 28.53 -4.44
C ARG B 154 2.23 29.13 -5.48
N GLY B 155 2.07 28.67 -6.71
CA GLY B 155 3.03 29.01 -7.74
C GLY B 155 4.00 27.87 -7.98
N GLN B 156 5.22 28.20 -8.44
CA GLN B 156 6.16 27.18 -8.88
C GLN B 156 6.50 26.20 -7.75
N ARG B 157 6.64 26.70 -6.52
CA ARG B 157 7.05 25.90 -5.39
C ARG B 157 5.94 25.01 -4.82
N GLN B 158 4.77 24.97 -5.46
CA GLN B 158 3.65 24.20 -4.93
C GLN B 158 4.03 22.71 -4.82
N PRO B 159 3.66 22.06 -3.72
CA PRO B 159 3.76 20.60 -3.66
C PRO B 159 2.99 19.96 -4.80
N LEU B 160 3.41 18.75 -5.16
CA LEU B 160 2.76 18.04 -6.24
C LEU B 160 1.38 17.53 -5.82
N GLY B 161 1.14 17.42 -4.54
CA GLY B 161 -0.14 16.94 -4.02
C GLY B 161 -0.09 17.02 -2.51
N GLN B 162 -1.28 16.99 -1.90
CA GLN B 162 -1.42 17.01 -0.45
C GLN B 162 -2.22 15.80 -0.01
N VAL B 163 -1.66 15.00 0.91
CA VAL B 163 -2.30 13.80 1.41
C VAL B 163 -2.56 14.03 2.89
N LEU B 164 -3.83 14.25 3.23
CA LEU B 164 -4.22 14.71 4.57
C LEU B 164 -4.95 13.58 5.28
N ILE B 165 -4.45 13.19 6.45
CA ILE B 165 -4.86 11.97 7.15
C ILE B 165 -5.57 12.35 8.44
N TYR B 166 -6.86 12.03 8.51
CA TYR B 166 -7.79 12.55 9.51
C TYR B 166 -7.38 13.94 10.01
N PRO B 167 -7.31 14.94 9.12
CA PRO B 167 -6.89 16.27 9.54
C PRO B 167 -7.97 17.02 10.30
N GLY B 168 -7.51 17.94 11.18
CA GLY B 168 -8.34 19.01 11.67
C GLY B 168 -7.98 20.26 10.91
N LEU B 169 -8.94 20.80 10.16
CA LEU B 169 -8.66 21.88 9.23
C LEU B 169 -9.31 23.20 9.64
N GLY B 170 -9.77 23.30 10.88
CA GLY B 170 -10.30 24.55 11.39
C GLY B 170 -11.80 24.71 11.31
N GLY B 171 -12.55 23.62 11.14
CA GLY B 171 -13.99 23.72 11.19
C GLY B 171 -14.49 24.37 12.47
N ASP B 172 -15.60 25.09 12.36
CA ASP B 172 -16.09 25.87 13.50
C ASP B 172 -16.85 25.05 14.53
N GLY B 173 -17.07 23.76 14.29
CA GLY B 173 -17.77 22.90 15.23
C GLY B 173 -19.23 22.69 14.93
N SER B 174 -19.78 23.38 13.94
CA SER B 174 -21.19 23.26 13.64
C SER B 174 -21.52 22.06 12.75
N ALA B 175 -20.52 21.41 12.14
CA ALA B 175 -20.79 20.28 11.26
C ALA B 175 -21.30 19.08 12.08
N PRO B 176 -22.04 18.16 11.44
CA PRO B 176 -22.67 17.08 12.21
C PRO B 176 -21.71 16.16 12.93
N SER B 177 -20.51 15.93 12.40
CA SER B 177 -19.60 14.98 13.05
C SER B 177 -19.21 15.43 14.45
N TYR B 178 -19.20 16.75 14.71
CA TYR B 178 -18.89 17.22 16.06
C TYR B 178 -19.97 16.78 17.06
N ARG B 179 -21.24 16.73 16.60
CA ARG B 179 -22.36 16.18 17.37
C ARG B 179 -22.32 14.66 17.44
N GLU B 180 -22.36 14.01 16.27
CA GLU B 180 -22.46 12.56 16.15
C GLU B 180 -21.29 11.86 16.84
N ASN B 181 -20.10 12.46 16.84
CA ASN B 181 -18.89 11.82 17.37
C ASN B 181 -18.33 12.55 18.60
N ALA B 182 -19.19 13.22 19.36
CA ALA B 182 -18.70 13.99 20.49
C ALA B 182 -18.08 13.12 21.57
N GLY B 183 -18.53 11.88 21.72
CA GLY B 183 -17.93 10.96 22.65
C GLY B 183 -17.23 9.82 21.94
N ALA B 184 -16.66 10.12 20.76
CA ALA B 184 -15.98 9.10 19.95
C ALA B 184 -14.84 8.44 20.72
N PRO B 185 -14.58 7.15 20.46
CA PRO B 185 -13.46 6.48 21.12
C PRO B 185 -12.15 7.16 20.74
N LEU B 186 -11.23 7.21 21.71
CA LEU B 186 -9.87 7.74 21.57
C LEU B 186 -9.82 9.26 21.52
N LEU B 187 -10.92 9.93 21.86
CA LEU B 187 -10.95 11.38 21.91
C LEU B 187 -10.63 11.79 23.35
N ARG B 188 -9.71 12.74 23.51
CA ARG B 188 -9.23 13.08 24.85
C ARG B 188 -9.90 14.33 25.43
N THR B 189 -10.52 15.18 24.61
CA THR B 189 -11.20 16.40 25.02
C THR B 189 -10.29 17.36 25.77
N GLU B 190 -9.63 16.87 26.82
CA GLU B 190 -8.67 17.68 27.55
C GLU B 190 -7.45 18.05 26.71
N ASP B 191 -7.32 17.47 25.51
CA ASP B 191 -6.31 17.90 24.53
C ASP B 191 -6.79 19.06 23.68
N LEU B 192 -8.10 19.13 23.39
CA LEU B 192 -8.65 20.20 22.57
C LEU B 192 -8.31 21.57 23.17
N ALA B 193 -8.38 21.67 24.50
CA ALA B 193 -8.00 22.91 25.18
C ALA B 193 -6.51 23.19 24.98
N THR B 194 -5.65 22.22 25.30
CA THR B 194 -4.21 22.41 25.10
C THR B 194 -3.88 22.76 23.66
N TYR B 195 -4.73 22.35 22.72
CA TYR B 195 -4.49 22.55 21.30
C TYR B 195 -5.11 23.86 20.81
N HIS B 196 -6.33 24.18 21.23
CA HIS B 196 -6.86 25.50 20.92
C HIS B 196 -6.11 26.56 21.71
N ALA B 197 -6.14 26.46 23.04
CA ALA B 197 -5.60 27.49 23.91
C ALA B 197 -4.07 27.54 23.79
N ALA B 198 -3.51 28.69 24.17
CA ALA B 198 -2.11 29.02 23.99
C ALA B 198 -1.69 28.64 22.58
N LEU B 199 -1.40 27.34 22.39
CA LEU B 199 -1.01 26.72 21.12
C LEU B 199 -1.36 27.54 19.89
N HIS B 200 -2.65 27.57 19.55
CA HIS B 200 -3.14 28.24 18.35
C HIS B 200 -3.32 29.73 18.55
N GLY B 201 -3.92 30.34 17.52
CA GLY B 201 -4.34 31.73 17.57
C GLY B 201 -5.20 32.06 18.76
N ASP B 202 -5.83 31.06 19.38
CA ASP B 202 -6.54 31.27 20.64
C ASP B 202 -5.54 31.34 21.79
N GLY B 203 -4.35 31.90 21.55
CA GLY B 203 -3.33 32.01 22.55
C GLY B 203 -2.93 33.45 22.86
N PRO B 204 -2.62 34.22 21.80
CA PRO B 204 -2.47 35.67 21.98
C PRO B 204 -3.31 36.49 21.00
N VAL B 205 -4.39 35.90 20.46
CA VAL B 205 -5.27 36.50 19.44
C VAL B 205 -4.51 36.85 18.16
N ASP B 206 -4.95 36.27 17.04
CA ASP B 206 -4.35 36.53 15.74
C ASP B 206 -5.18 35.86 14.64
N PRO B 207 -5.38 36.53 13.49
CA PRO B 207 -6.27 35.98 12.45
C PRO B 207 -5.72 34.74 11.76
N LEU B 208 -4.51 34.87 11.20
CA LEU B 208 -3.78 33.87 10.41
C LEU B 208 -4.66 32.66 10.07
N ALA B 209 -5.48 32.82 9.03
CA ALA B 209 -6.61 31.92 8.82
C ALA B 209 -6.17 30.46 8.68
N LEU B 210 -6.97 29.56 9.24
CA LEU B 210 -6.87 28.12 9.12
C LEU B 210 -7.53 27.69 7.80
N PRO B 211 -7.14 26.54 7.24
CA PRO B 211 -7.52 26.27 5.83
C PRO B 211 -9.01 26.36 5.53
N LEU B 212 -9.85 25.84 6.40
CA LEU B 212 -11.28 25.85 6.09
C LEU B 212 -11.87 27.27 6.05
N GLN B 213 -11.14 28.29 6.50
CA GLN B 213 -11.64 29.67 6.46
C GLN B 213 -11.02 30.53 5.37
N VAL B 214 -9.91 30.11 4.75
CA VAL B 214 -9.43 30.84 3.58
C VAL B 214 -10.46 30.69 2.48
N GLU B 215 -10.61 31.82 1.77
CA GLU B 215 -11.53 31.89 0.66
C GLU B 215 -10.91 31.70 -0.70
N ASP B 216 -9.59 31.87 -0.90
CA ASP B 216 -9.13 31.64 -2.26
C ASP B 216 -8.31 30.36 -2.14
N LEU B 217 -8.97 29.23 -2.38
CA LEU B 217 -8.29 27.95 -2.47
C LEU B 217 -7.81 27.66 -3.88
N ALA B 218 -7.98 28.61 -4.82
CA ALA B 218 -7.66 28.34 -6.21
C ALA B 218 -6.17 28.08 -6.39
N GLY B 219 -5.85 27.04 -7.17
CA GLY B 219 -4.49 26.75 -7.57
C GLY B 219 -3.67 25.90 -6.61
N VAL B 220 -4.20 25.56 -5.43
CA VAL B 220 -3.41 24.74 -4.50
C VAL B 220 -3.34 23.31 -5.02
N ALA B 221 -2.40 22.55 -4.46
CA ALA B 221 -2.09 21.22 -4.94
C ALA B 221 -3.32 20.30 -4.87
N PRO B 222 -3.42 19.33 -5.78
CA PRO B 222 -4.50 18.34 -5.71
C PRO B 222 -4.43 17.58 -4.39
N ALA B 223 -5.60 17.26 -3.85
CA ALA B 223 -5.73 16.75 -2.49
C ALA B 223 -6.34 15.35 -2.47
N PHE B 224 -5.79 14.51 -1.59
CA PHE B 224 -6.40 13.26 -1.17
C PHE B 224 -6.62 13.39 0.33
N VAL B 225 -7.88 13.44 0.76
CA VAL B 225 -8.24 13.76 2.13
C VAL B 225 -8.99 12.58 2.72
N VAL B 226 -8.44 11.95 3.75
CA VAL B 226 -9.01 10.72 4.30
C VAL B 226 -9.42 10.96 5.75
N SER B 227 -10.65 10.59 6.09
CA SER B 227 -11.16 10.81 7.44
C SER B 227 -11.50 9.49 8.11
N ALA B 228 -11.40 9.49 9.43
CA ALA B 228 -11.99 8.44 10.24
C ALA B 228 -13.48 8.76 10.41
N ASP B 229 -14.36 7.79 10.14
CA ASP B 229 -15.78 8.08 10.28
C ASP B 229 -16.17 8.38 11.71
N VAL B 230 -15.53 7.74 12.68
CA VAL B 230 -15.92 7.85 14.09
C VAL B 230 -15.01 8.84 14.78
N ASP B 231 -15.12 10.10 14.39
CA ASP B 231 -14.16 11.12 14.78
C ASP B 231 -14.87 12.46 14.60
N PRO B 232 -14.85 13.35 15.60
CA PRO B 232 -15.54 14.64 15.44
C PRO B 232 -15.00 15.46 14.29
N LEU B 233 -13.73 15.28 13.94
CA LEU B 233 -13.16 16.02 12.82
C LEU B 233 -13.51 15.46 11.45
N ARG B 234 -14.36 14.42 11.38
CA ARG B 234 -14.63 13.80 10.09
C ARG B 234 -15.07 14.82 9.05
N ASP B 235 -16.03 15.68 9.43
CA ASP B 235 -16.61 16.53 8.42
C ASP B 235 -15.71 17.71 8.02
N ASP B 236 -14.61 17.95 8.75
CA ASP B 236 -13.60 18.86 8.23
C ASP B 236 -13.04 18.37 6.90
N ALA B 237 -12.86 17.06 6.78
CA ALA B 237 -12.37 16.48 5.52
C ALA B 237 -13.42 16.65 4.43
N ARG B 238 -14.67 16.28 4.73
CA ARG B 238 -15.79 16.51 3.82
C ARG B 238 -15.84 17.95 3.35
N ASP B 239 -15.81 18.90 4.30
CA ASP B 239 -15.99 20.31 3.99
C ASP B 239 -14.85 20.85 3.14
N TYR B 240 -13.62 20.44 3.45
CA TYR B 240 -12.49 20.99 2.72
C TYR B 240 -12.46 20.48 1.29
N VAL B 241 -12.78 19.20 1.09
CA VAL B 241 -12.83 18.66 -0.27
C VAL B 241 -13.91 19.36 -1.08
N GLN B 242 -15.06 19.62 -0.45
CA GLN B 242 -16.15 20.29 -1.16
C GLN B 242 -15.74 21.71 -1.54
N ARG B 243 -15.05 22.42 -0.63
CA ARG B 243 -14.57 23.76 -0.97
C ARG B 243 -13.45 23.71 -2.00
N LEU B 244 -12.63 22.65 -1.99
CA LEU B 244 -11.53 22.55 -2.96
C LEU B 244 -12.08 22.38 -4.37
N ARG B 245 -13.11 21.55 -4.53
CA ARG B 245 -13.69 21.34 -5.85
C ARG B 245 -14.41 22.58 -6.36
N ALA B 246 -15.08 23.32 -5.47
CA ALA B 246 -15.68 24.59 -5.87
C ALA B 246 -14.64 25.58 -6.37
N ALA B 247 -13.38 25.46 -5.94
CA ALA B 247 -12.28 26.28 -6.41
C ALA B 247 -11.57 25.70 -7.63
N GLY B 248 -12.06 24.59 -8.18
CA GLY B 248 -11.45 24.00 -9.34
C GLY B 248 -10.23 23.14 -9.07
N VAL B 249 -9.96 22.83 -7.79
CA VAL B 249 -8.87 21.95 -7.41
C VAL B 249 -9.36 20.51 -7.43
N ALA B 250 -8.53 19.60 -7.93
CA ALA B 250 -8.87 18.18 -7.85
C ALA B 250 -8.75 17.69 -6.42
N ALA B 251 -9.78 17.01 -5.92
CA ALA B 251 -9.71 16.55 -4.54
C ALA B 251 -10.65 15.36 -4.35
N GLU B 252 -10.22 14.43 -3.50
CA GLU B 252 -11.01 13.24 -3.21
C GLU B 252 -11.20 13.12 -1.71
N TRP B 253 -12.42 12.81 -1.26
CA TRP B 253 -12.68 12.55 0.14
C TRP B 253 -12.94 11.05 0.30
N ARG B 254 -12.10 10.38 1.09
CA ARG B 254 -12.27 8.97 1.42
C ARG B 254 -12.63 8.92 2.89
N ASN B 255 -13.83 8.44 3.22
CA ASN B 255 -14.16 8.33 4.62
C ASN B 255 -14.07 6.86 5.01
N GLU B 256 -13.54 6.59 6.20
CA GLU B 256 -13.23 5.24 6.64
C GLU B 256 -14.26 4.76 7.65
N PRO B 257 -15.22 3.93 7.24
CA PRO B 257 -16.17 3.36 8.20
C PRO B 257 -15.48 2.55 9.28
N GLU B 258 -16.07 2.57 10.47
CA GLU B 258 -15.70 1.78 11.62
C GLU B 258 -14.32 2.12 12.19
N LEU B 259 -13.70 3.25 11.78
CA LEU B 259 -12.38 3.58 12.31
C LEU B 259 -12.41 4.84 13.16
N PRO B 260 -11.66 4.88 14.26
CA PRO B 260 -11.54 6.10 15.04
C PRO B 260 -10.37 6.97 14.59
N HIS B 261 -10.29 8.16 15.18
CA HIS B 261 -9.12 9.00 14.99
C HIS B 261 -7.86 8.25 15.40
N GLY B 262 -6.77 8.52 14.69
CA GLY B 262 -5.48 7.90 15.00
C GLY B 262 -5.27 6.49 14.48
N TYR B 263 -6.07 6.02 13.52
CA TYR B 263 -6.08 4.60 13.19
C TYR B 263 -4.85 4.13 12.45
N LEU B 264 -3.94 5.02 12.01
CA LEU B 264 -2.72 4.53 11.38
C LEU B 264 -1.95 3.60 12.30
N ARG B 265 -2.09 3.79 13.60
CA ARG B 265 -1.46 2.89 14.55
C ARG B 265 -2.12 1.52 14.64
N ALA B 266 -3.25 1.35 13.98
CA ALA B 266 -3.93 0.08 14.00
C ALA B 266 -3.65 -0.76 12.75
N ARG B 267 -2.80 -0.28 11.85
CA ARG B 267 -2.64 -0.96 10.57
C ARG B 267 -2.05 -2.35 10.71
N ARG B 268 -1.42 -2.68 11.85
CA ARG B 268 -0.86 -4.02 12.01
C ARG B 268 -1.81 -5.00 12.69
N GLU B 269 -3.03 -4.57 13.04
CA GLU B 269 -3.99 -5.48 13.65
C GLU B 269 -5.42 -5.30 13.12
N SER B 270 -5.65 -4.42 12.15
CA SER B 270 -6.99 -4.12 11.64
C SER B 270 -6.96 -4.15 10.14
N ASP B 271 -7.80 -5.00 9.51
CA ASP B 271 -7.88 -5.01 8.06
C ASP B 271 -8.31 -3.64 7.53
N ARG B 272 -9.29 -3.01 8.18
CA ARG B 272 -9.75 -1.71 7.72
C ARG B 272 -8.63 -0.68 7.72
N ALA B 273 -7.87 -0.62 8.82
CA ALA B 273 -6.79 0.36 8.95
C ALA B 273 -5.67 0.05 7.97
N ARG B 274 -5.38 -1.23 7.77
CA ARG B 274 -4.34 -1.62 6.82
C ARG B 274 -4.72 -1.24 5.41
N ARG B 275 -5.99 -1.49 5.01
CA ARG B 275 -6.42 -1.06 3.68
C ARG B 275 -6.33 0.44 3.53
N SER B 276 -6.65 1.19 4.60
CA SER B 276 -6.58 2.65 4.50
C SER B 276 -5.16 3.11 4.22
N PHE B 277 -4.18 2.55 4.94
CA PHE B 277 -2.80 2.94 4.70
C PHE B 277 -2.33 2.51 3.31
N GLN B 278 -2.84 1.39 2.82
CA GLN B 278 -2.55 1.00 1.44
C GLN B 278 -3.09 2.04 0.45
N ALA B 279 -4.28 2.57 0.71
CA ALA B 279 -4.83 3.62 -0.15
C ALA B 279 -4.05 4.93 0.01
N ILE B 280 -3.59 5.22 1.23
CA ILE B 280 -2.80 6.43 1.46
C ILE B 280 -1.47 6.36 0.71
N LEU B 281 -0.81 5.20 0.76
CA LEU B 281 0.43 5.01 0.00
C LEU B 281 0.19 5.16 -1.51
N SER B 282 -0.90 4.59 -2.02
CA SER B 282 -1.16 4.68 -3.46
C SER B 282 -1.47 6.11 -3.88
N ALA B 283 -2.14 6.89 -3.01
CA ALA B 283 -2.40 8.30 -3.34
C ALA B 283 -1.11 9.10 -3.37
N ILE B 284 -0.21 8.84 -2.42
CA ILE B 284 1.12 9.46 -2.43
C ILE B 284 1.82 9.15 -3.74
N MET B 285 1.92 7.86 -4.09
CA MET B 285 2.56 7.48 -5.36
C MET B 285 1.87 8.12 -6.56
N ARG B 286 0.55 8.22 -6.51
CA ARG B 286 -0.20 8.78 -7.63
C ARG B 286 0.22 10.23 -7.89
N PHE B 287 0.33 11.02 -6.81
CA PHE B 287 0.77 12.41 -6.94
C PHE B 287 2.25 12.50 -7.32
N ALA B 288 3.09 11.62 -6.78
CA ALA B 288 4.53 11.73 -6.96
C ALA B 288 4.93 11.54 -8.42
N VAL B 289 4.49 10.44 -9.03
CA VAL B 289 4.80 10.17 -10.43
C VAL B 289 4.22 11.20 -11.40
N ARG B 290 4.32 12.48 -11.02
CA ARG B 290 4.17 13.63 -11.90
C ARG B 290 2.74 13.74 -12.39
N GLY B 291 2.27 12.74 -13.12
CA GLY B 291 0.92 12.73 -13.65
C GLY B 291 0.00 11.78 -12.91
C01 A1D6Y C . 4.48 -24.93 -8.68
C02 A1D6Y C . 4.53 -23.82 -9.53
C03 A1D6Y C . 3.81 -22.68 -9.19
C04 A1D6Y C . 3.05 -22.64 -8.03
C05 A1D6Y C . 2.97 -23.75 -7.19
C06 A1D6Y C . 3.70 -24.89 -7.52
C07 A1D6Y C . 2.23 -23.76 -6.04
C08 A1D6Y C . 2.34 -21.51 -7.81
C09 A1D6Y C . 0.36 -23.57 -4.76
C10 A1D6Y C . -0.39 -24.90 -4.89
O01 A1D6Y C . 0.98 -23.29 -6.00
O02 A1D6Y C . 1.63 -21.01 -8.83
O03 A1D6Y C . 2.35 -20.93 -6.75
O04 A1D6Y C . 2.73 -24.19 -5.02
#